data_4QGN
#
_entry.id   4QGN
#
_cell.length_a   105.195
_cell.length_b   105.195
_cell.length_c   40.822
_cell.angle_alpha   90.00
_cell.angle_beta   90.00
_cell.angle_gamma   120.00
#
_symmetry.space_group_name_H-M   'P 64'
#
loop_
_entity.id
_entity.type
_entity.pdbx_description
1 polymer '1,2-dihydroxy-3-keto-5-methylthiopentene dioxygenase'
2 non-polymer 'FE (III) ION'
3 non-polymer 'CHLORIDE ION'
4 non-polymer SELENOMETHIONINE
5 non-polymer 'SULFATE ION'
6 non-polymer 'ACETATE ION'
7 water water
#
_entity_poly.entity_id   1
_entity_poly.type   'polypeptide(L)'
_entity_poly.pdbx_seq_one_letter_code
;GAAAMVQAWYMDDAPGDPRQPHRPDPGRPVGLEQLRRLGVLYWKLDADKYENDPELEKIRRERNYSWMDIITICKDKLPN
YEEKIKMFYEEHLHLDDEIRYILDGSGYFDVRDKEDQWIRIFMEKGDMVTLPAGIYHRFTVDEKNYTKAMRLFVGEPVWT
AYNRPADHFEARGQYVKFLAQTA
;
_entity_poly.pdbx_strand_id   A
#
loop_
_chem_comp.id
_chem_comp.type
_chem_comp.name
_chem_comp.formula
ACT non-polymer 'ACETATE ION' 'C2 H3 O2 -1'
CL non-polymer 'CHLORIDE ION' 'Cl -1'
FE non-polymer 'FE (III) ION' 'Fe 3'
SO4 non-polymer 'SULFATE ION' 'O4 S -2'
#
# COMPACT_ATOMS: atom_id res chain seq x y z
N MET A 5 -15.09 5.76 6.51
CA MET A 5 -13.70 6.04 6.97
C MET A 5 -12.76 5.09 6.22
N VAL A 6 -12.09 4.17 6.93
CA VAL A 6 -11.28 3.13 6.27
C VAL A 6 -11.44 1.78 6.98
N GLN A 7 -11.29 0.71 6.22
CA GLN A 7 -11.38 -0.65 6.73
C GLN A 7 -9.99 -1.22 7.03
N ALA A 8 -9.61 -1.25 8.28
CA ALA A 8 -8.27 -1.66 8.64
C ALA A 8 -8.21 -2.21 10.07
N TRP A 9 -7.43 -3.26 10.28
CA TRP A 9 -7.41 -3.94 11.55
C TRP A 9 -6.07 -4.49 11.84
N TYR A 10 -5.80 -4.76 13.10
CA TYR A 10 -4.63 -5.52 13.48
C TYR A 10 -4.83 -6.98 13.10
N MET A 11 -4.06 -7.45 12.10
CA MET A 11 -4.26 -8.79 11.56
C MET A 11 -3.60 -9.85 12.40
N ASP A 12 -4.15 -11.05 12.30
CA ASP A 12 -3.69 -12.19 13.07
C ASP A 12 -2.34 -12.74 12.63
N ASP A 13 -1.74 -13.45 13.59
CA ASP A 13 -0.45 -14.11 13.43
C ASP A 13 -0.56 -15.45 12.66
N ALA A 14 -1.79 -15.90 12.41
CA ALA A 14 -2.07 -17.13 11.65
C ALA A 14 -1.25 -17.23 10.36
N PRO A 15 -0.67 -18.41 10.12
CA PRO A 15 -0.13 -18.73 8.83
C PRO A 15 -1.23 -19.35 7.98
N GLY A 16 -1.00 -19.36 6.67
CA GLY A 16 -2.01 -19.88 5.78
C GLY A 16 -2.27 -18.82 4.71
N ASP A 17 -3.35 -18.98 3.96
CA ASP A 17 -3.57 -18.19 2.76
C ASP A 17 -3.49 -16.74 3.15
N PRO A 18 -2.67 -15.96 2.46
CA PRO A 18 -2.58 -14.51 2.65
C PRO A 18 -3.76 -13.77 2.16
N ARG A 19 -4.44 -14.29 1.16
CA ARG A 19 -5.54 -13.60 0.50
C ARG A 19 -6.79 -13.64 1.37
N GLN A 20 -6.77 -14.47 2.40
CA GLN A 20 -7.82 -14.45 3.41
C GLN A 20 -7.68 -13.19 4.26
N PRO A 21 -8.78 -12.77 4.93
CA PRO A 21 -8.84 -11.50 5.68
C PRO A 21 -7.92 -11.39 6.89
N HIS A 22 -7.54 -12.54 7.45
CA HIS A 22 -6.72 -12.59 8.68
C HIS A 22 -7.20 -11.59 9.70
N ARG A 23 -8.52 -11.51 9.86
CA ARG A 23 -9.20 -10.46 10.62
C ARG A 23 -9.91 -11.07 11.83
N PRO A 24 -9.26 -11.05 13.00
CA PRO A 24 -9.79 -11.78 14.14
C PRO A 24 -11.07 -11.14 14.71
N ASP A 25 -11.98 -12.00 15.17
CA ASP A 25 -13.27 -11.63 15.76
C ASP A 25 -13.38 -12.24 17.17
N PRO A 26 -13.31 -11.42 18.21
CA PRO A 26 -13.25 -9.97 18.18
C PRO A 26 -11.84 -9.48 17.80
N GLY A 27 -11.72 -8.22 17.42
CA GLY A 27 -10.44 -7.67 16.98
C GLY A 27 -10.42 -6.17 17.17
N ARG A 28 -9.23 -5.58 17.01
CA ARG A 28 -9.03 -4.12 17.21
C ARG A 28 -9.00 -3.41 15.85
N PRO A 29 -9.87 -2.42 15.67
CA PRO A 29 -9.89 -1.66 14.41
C PRO A 29 -8.73 -0.72 14.31
N VAL A 30 -8.50 -0.17 13.13
CA VAL A 30 -7.49 0.87 12.93
C VAL A 30 -8.09 2.01 12.11
N GLY A 31 -7.83 3.24 12.52
CA GLY A 31 -8.43 4.41 11.92
C GLY A 31 -7.50 5.18 11.00
N LEU A 32 -7.95 6.38 10.62
CA LEU A 32 -7.18 7.28 9.76
C LEU A 32 -6.10 7.98 10.53
N GLU A 33 -6.42 8.41 11.76
CA GLU A 33 -5.50 9.20 12.54
C GLU A 33 -4.26 8.37 12.80
N GLN A 34 -4.45 7.09 13.11
CA GLN A 34 -3.33 6.21 13.46
C GLN A 34 -2.40 6.01 12.29
N LEU A 35 -3.00 5.78 11.13
CA LEU A 35 -2.25 5.63 9.90
C LEU A 35 -1.51 6.91 9.51
N ARG A 36 -2.23 8.04 9.56
CA ARG A 36 -1.63 9.37 9.39
C ARG A 36 -0.39 9.48 10.29
N ARG A 37 -0.54 9.16 11.57
CA ARG A 37 0.55 9.23 12.53
C ARG A 37 1.74 8.30 12.17
N LEU A 38 1.53 7.36 11.25
CA LEU A 38 2.61 6.51 10.69
C LEU A 38 3.13 7.03 9.35
N GLY A 39 2.66 8.20 8.92
CA GLY A 39 3.07 8.76 7.63
C GLY A 39 2.29 8.26 6.44
N VAL A 40 1.25 7.45 6.69
CA VAL A 40 0.40 6.88 5.63
C VAL A 40 -0.75 7.79 5.29
N LEU A 41 -1.01 7.95 4.00
CA LEU A 41 -2.06 8.85 3.53
C LEU A 41 -3.17 8.07 2.81
N TYR A 42 -4.38 8.63 2.78
CA TYR A 42 -5.51 7.93 2.20
C TYR A 42 -6.48 8.89 1.51
N TRP A 43 -7.12 8.43 0.43
CA TRP A 43 -8.20 9.16 -0.26
C TRP A 43 -9.22 8.26 -0.89
N LYS A 44 -10.47 8.73 -0.94
CA LYS A 44 -11.57 8.09 -1.67
C LYS A 44 -11.86 8.93 -2.92
N LEU A 45 -11.94 8.26 -4.08
CA LEU A 45 -12.07 8.95 -5.34
C LEU A 45 -13.02 8.23 -6.30
N ASP A 46 -13.61 8.97 -7.22
CA ASP A 46 -14.45 8.37 -8.25
C ASP A 46 -13.55 7.60 -9.23
N ALA A 47 -13.60 6.28 -9.14
CA ALA A 47 -12.72 5.43 -9.93
C ALA A 47 -13.18 5.29 -11.38
N ASP A 48 -14.39 5.72 -11.68
CA ASP A 48 -14.90 5.68 -13.06
C ASP A 48 -14.32 6.86 -13.86
N LYS A 49 -14.24 8.03 -13.22
CA LYS A 49 -13.82 9.27 -13.88
C LYS A 49 -12.31 9.49 -13.88
N TYR A 50 -11.54 8.53 -13.37
CA TYR A 50 -10.09 8.72 -13.16
C TYR A 50 -9.35 9.30 -14.37
N GLU A 51 -9.81 8.97 -15.57
CA GLU A 51 -9.10 9.40 -16.77
C GLU A 51 -9.17 10.91 -16.95
N ASN A 52 -10.13 11.55 -16.29
CA ASN A 52 -10.21 13.03 -16.23
C ASN A 52 -10.86 13.56 -14.94
N ASP A 53 -10.15 13.42 -13.83
CA ASP A 53 -10.68 13.69 -12.52
C ASP A 53 -9.88 14.83 -11.88
N PRO A 54 -10.48 16.03 -11.72
CA PRO A 54 -9.84 17.17 -11.06
C PRO A 54 -9.21 16.84 -9.71
N GLU A 55 -9.95 16.11 -8.87
CA GLU A 55 -9.50 15.73 -7.52
C GLU A 55 -8.20 14.94 -7.60
N LEU A 56 -8.16 13.96 -8.49
CA LEU A 56 -6.94 13.20 -8.74
C LEU A 56 -5.83 14.16 -9.17
N GLU A 57 -6.10 14.99 -10.17
CA GLU A 57 -5.09 15.93 -10.68
C GLU A 57 -4.68 17.03 -9.68
N LYS A 58 -5.56 17.37 -8.74
CA LYS A 58 -5.22 18.27 -7.64
C LYS A 58 -4.20 17.63 -6.72
N ILE A 59 -4.47 16.37 -6.33
CA ILE A 59 -3.58 15.63 -5.43
C ILE A 59 -2.19 15.45 -6.05
N ARG A 60 -2.16 15.18 -7.36
CA ARG A 60 -0.92 14.93 -8.06
C ARG A 60 -0.04 16.16 -8.09
N ARG A 61 -0.69 17.30 -8.33
CA ARG A 61 -0.05 18.61 -8.21
C ARG A 61 0.52 18.76 -6.81
N GLU A 62 -0.37 18.77 -5.81
CA GLU A 62 0.02 19.03 -4.42
C GLU A 62 1.20 18.16 -3.98
N ARG A 63 1.30 16.95 -4.53
CA ARG A 63 2.32 15.97 -4.14
C ARG A 63 3.42 15.72 -5.18
N ASN A 64 3.45 16.50 -6.24
CA ASN A 64 4.37 16.27 -7.37
C ASN A 64 4.42 14.81 -7.80
N TYR A 65 3.25 14.19 -7.97
CA TYR A 65 3.16 12.87 -8.59
C TYR A 65 3.17 13.07 -10.11
N SER A 66 4.35 13.29 -10.67
CA SER A 66 4.51 13.55 -12.10
C SER A 66 4.33 12.28 -12.94
N TRP A 67 4.40 11.10 -12.33
CA TRP A 67 4.42 9.88 -13.11
C TRP A 67 3.32 8.94 -12.72
N MET A 68 2.74 8.27 -13.72
CA MET A 68 1.58 7.43 -13.53
C MET A 68 1.56 6.33 -14.62
N ASP A 69 1.14 5.12 -14.23
CA ASP A 69 0.68 4.11 -15.18
C ASP A 69 -0.27 3.16 -14.47
N ILE A 70 -0.66 2.09 -15.14
CA ILE A 70 -1.61 1.16 -14.52
C ILE A 70 -1.12 -0.28 -14.58
N ILE A 71 -1.35 -0.99 -13.48
CA ILE A 71 -1.06 -2.39 -13.41
C ILE A 71 -2.35 -3.16 -13.14
N THR A 72 -2.55 -4.22 -13.93
CA THR A 72 -3.66 -5.13 -13.75
C THR A 72 -3.10 -6.44 -13.23
N ILE A 73 -3.44 -6.71 -11.97
CA ILE A 73 -2.86 -7.82 -11.25
C ILE A 73 -3.87 -8.97 -11.31
N CYS A 74 -3.63 -9.90 -12.23
CA CYS A 74 -4.34 -11.18 -12.24
C CYS A 74 -3.67 -12.19 -13.17
N LYS A 75 -3.92 -13.48 -12.90
CA LYS A 75 -3.19 -14.63 -13.51
C LYS A 75 -3.00 -14.46 -15.01
N ASP A 76 -4.10 -14.19 -15.72
CA ASP A 76 -4.07 -14.15 -17.19
C ASP A 76 -3.59 -12.82 -17.82
N LYS A 77 -3.55 -11.72 -17.07
CA LYS A 77 -3.05 -10.44 -17.61
C LYS A 77 -1.58 -10.15 -17.29
N LEU A 78 -1.20 -10.29 -16.02
CA LEU A 78 0.18 -9.96 -15.59
C LEU A 78 1.15 -11.11 -15.90
N PRO A 79 2.26 -10.81 -16.61
CA PRO A 79 3.25 -11.86 -16.85
C PRO A 79 3.99 -12.23 -15.57
N ASN A 80 4.28 -13.52 -15.41
CA ASN A 80 4.92 -14.05 -14.19
C ASN A 80 4.11 -13.73 -12.97
N TYR A 81 2.82 -13.98 -13.06
CA TYR A 81 1.91 -13.63 -12.00
C TYR A 81 2.37 -14.23 -10.66
N GLU A 82 2.53 -15.55 -10.61
CA GLU A 82 2.84 -16.22 -9.35
C GLU A 82 4.15 -15.73 -8.71
N GLU A 83 5.15 -15.44 -9.54
CA GLU A 83 6.42 -14.91 -9.04
C GLU A 83 6.22 -13.50 -8.50
N LYS A 84 5.52 -12.67 -9.28
CA LYS A 84 5.31 -11.28 -8.91
C LYS A 84 4.53 -11.20 -7.59
N ILE A 85 3.47 -12.00 -7.54
CA ILE A 85 2.69 -12.25 -6.32
C ILE A 85 3.57 -12.50 -5.09
N LYS A 86 4.44 -13.49 -5.19
CA LYS A 86 5.36 -13.84 -4.11
C LYS A 86 6.25 -12.66 -3.73
N MET A 87 6.75 -11.93 -4.73
CA MET A 87 7.60 -10.76 -4.45
C MET A 87 6.88 -9.65 -3.66
N PHE A 88 5.62 -9.38 -3.99
CA PHE A 88 4.89 -8.29 -3.36
C PHE A 88 4.67 -8.56 -1.90
N TYR A 89 4.31 -9.80 -1.56
CA TYR A 89 3.95 -10.15 -0.19
C TYR A 89 5.18 -10.38 0.69
N GLU A 90 6.37 -10.36 0.07
CA GLU A 90 7.58 -10.34 0.85
C GLU A 90 7.68 -8.98 1.53
N GLU A 91 7.99 -9.00 2.81
CA GLU A 91 8.10 -7.78 3.58
C GLU A 91 9.32 -6.99 3.10
N HIS A 92 9.09 -5.73 2.74
CA HIS A 92 10.15 -4.90 2.15
C HIS A 92 9.92 -3.45 2.44
N LEU A 93 10.88 -2.62 2.06
CA LEU A 93 10.68 -1.18 2.07
C LEU A 93 11.07 -0.58 0.71
N HIS A 94 10.84 0.73 0.59
CA HIS A 94 11.30 1.50 -0.57
C HIS A 94 11.98 2.75 -0.16
N LEU A 95 12.87 3.23 -1.02
CA LEU A 95 13.58 4.46 -0.72
C LEU A 95 12.75 5.64 -1.19
N ASP A 96 11.60 5.38 -1.83
CA ASP A 96 10.61 6.42 -2.08
C ASP A 96 9.23 5.99 -1.65
N ASP A 97 8.32 6.96 -1.69
CA ASP A 97 6.93 6.72 -1.38
C ASP A 97 6.29 5.77 -2.39
N GLU A 98 5.31 5.02 -1.90
CA GLU A 98 4.57 4.07 -2.70
C GLU A 98 3.12 4.52 -2.77
N ILE A 99 2.66 4.81 -3.98
CA ILE A 99 1.36 5.42 -4.17
C ILE A 99 0.50 4.55 -5.09
N ARG A 100 -0.54 3.95 -4.51
CA ARG A 100 -1.51 3.17 -5.28
C ARG A 100 -2.88 3.79 -5.13
N TYR A 101 -3.56 3.90 -6.27
CA TYR A 101 -4.97 4.21 -6.37
C TYR A 101 -5.62 3.04 -7.06
N ILE A 102 -6.45 2.31 -6.33
CA ILE A 102 -7.14 1.13 -6.86
C ILE A 102 -8.34 1.51 -7.74
N LEU A 103 -8.20 1.25 -9.04
CA LEU A 103 -9.25 1.59 -10.05
C LEU A 103 -10.33 0.52 -10.19
N ASP A 104 -9.99 -0.72 -9.85
CA ASP A 104 -10.92 -1.83 -9.96
C ASP A 104 -10.34 -3.04 -9.22
N GLY A 105 -11.23 -3.93 -8.81
CA GLY A 105 -10.80 -5.01 -7.94
C GLY A 105 -10.51 -4.48 -6.54
N SER A 106 -9.67 -5.21 -5.82
CA SER A 106 -9.37 -4.92 -4.44
C SER A 106 -8.19 -5.75 -3.94
N GLY A 107 -7.67 -5.47 -2.76
CA GLY A 107 -6.59 -6.25 -2.17
C GLY A 107 -6.30 -5.73 -0.78
N TYR A 108 -5.18 -6.16 -0.23
CA TYR A 108 -4.78 -5.73 1.10
C TYR A 108 -3.38 -5.14 1.06
N PHE A 109 -3.15 -4.08 1.83
CA PHE A 109 -1.80 -3.57 2.06
C PHE A 109 -1.53 -3.68 3.56
N ASP A 110 -0.53 -4.46 3.95
CA ASP A 110 -0.18 -4.53 5.36
C ASP A 110 1.01 -3.62 5.62
N VAL A 111 1.02 -2.96 6.77
CA VAL A 111 2.13 -2.14 7.22
C VAL A 111 2.45 -2.51 8.66
N ARG A 112 3.66 -2.21 9.13
CA ARG A 112 3.95 -2.38 10.53
C ARG A 112 3.69 -1.12 11.33
N ASP A 113 3.14 -1.27 12.53
CA ASP A 113 2.81 -0.12 13.40
C ASP A 113 4.04 0.35 14.23
N LYS A 114 3.84 1.37 15.09
CA LYS A 114 4.96 1.94 15.87
C LYS A 114 5.59 0.90 16.79
N GLU A 115 4.87 -0.19 17.06
CA GLU A 115 5.43 -1.33 17.79
C GLU A 115 5.63 -2.57 16.92
N ASP A 116 5.92 -2.34 15.65
CA ASP A 116 6.30 -3.39 14.71
C ASP A 116 5.27 -4.54 14.58
N GLN A 117 4.00 -4.24 14.81
CA GLN A 117 2.89 -5.19 14.61
C GLN A 117 2.27 -4.98 13.24
N TRP A 118 1.77 -6.06 12.63
CA TRP A 118 1.09 -5.96 11.33
C TRP A 118 -0.26 -5.29 11.38
N ILE A 119 -0.43 -4.23 10.60
CA ILE A 119 -1.76 -3.71 10.31
C ILE A 119 -2.15 -4.14 8.90
N ARG A 120 -3.36 -4.66 8.73
CA ARG A 120 -3.88 -4.95 7.39
C ARG A 120 -4.85 -3.86 6.96
N ILE A 121 -4.71 -3.42 5.70
CA ILE A 121 -5.57 -2.38 5.11
C ILE A 121 -6.25 -2.91 3.85
N PHE A 122 -7.57 -2.86 3.83
CA PHE A 122 -8.35 -3.35 2.71
C PHE A 122 -8.57 -2.20 1.74
N MET A 123 -8.20 -2.41 0.49
CA MET A 123 -8.27 -1.36 -0.52
C MET A 123 -9.22 -1.85 -1.60
N GLU A 124 -10.11 -0.95 -2.01
CA GLU A 124 -11.21 -1.30 -2.89
C GLU A 124 -11.14 -0.39 -4.08
N LYS A 125 -12.06 -0.58 -5.02
CA LYS A 125 -12.28 0.38 -6.12
C LYS A 125 -12.52 1.75 -5.51
N GLY A 126 -11.74 2.74 -5.96
CA GLY A 126 -11.91 4.11 -5.49
C GLY A 126 -10.99 4.50 -4.36
N ASP A 127 -10.41 3.52 -3.68
CA ASP A 127 -9.47 3.82 -2.60
C ASP A 127 -8.08 4.12 -3.14
N MET A 128 -7.44 5.12 -2.52
CA MET A 128 -6.06 5.50 -2.81
C MET A 128 -5.23 5.67 -1.52
N VAL A 129 -4.00 5.15 -1.52
CA VAL A 129 -3.11 5.26 -0.36
C VAL A 129 -1.72 5.70 -0.78
N THR A 130 -0.97 6.25 0.17
CA THR A 130 0.46 6.48 -0.01
C THR A 130 1.17 5.90 1.18
N LEU A 131 2.14 5.02 0.93
CA LEU A 131 2.93 4.42 1.99
C LEU A 131 4.31 5.08 1.95
N PRO A 132 4.67 5.82 3.01
CA PRO A 132 5.87 6.63 3.01
C PRO A 132 7.14 5.83 2.83
N ALA A 133 8.11 6.42 2.14
CA ALA A 133 9.42 5.80 1.99
C ALA A 133 9.87 5.33 3.37
N GLY A 134 10.38 4.10 3.43
CA GLY A 134 10.98 3.56 4.65
C GLY A 134 10.10 2.60 5.42
N ILE A 135 8.79 2.64 5.17
CA ILE A 135 7.83 1.80 5.86
C ILE A 135 7.89 0.40 5.31
N TYR A 136 7.90 -0.56 6.24
CA TYR A 136 7.87 -1.99 5.91
C TYR A 136 6.44 -2.31 5.66
N HIS A 137 6.21 -2.93 4.51
CA HIS A 137 4.87 -3.32 4.06
C HIS A 137 4.94 -4.57 3.26
N ARG A 138 3.80 -4.94 2.72
CA ARG A 138 3.71 -6.02 1.77
C ARG A 138 2.37 -5.87 1.09
N PHE A 139 2.14 -6.63 0.03
CA PHE A 139 0.86 -6.54 -0.64
C PHE A 139 0.38 -7.89 -1.14
N THR A 140 -0.93 -8.09 -1.02
CA THR A 140 -1.58 -9.25 -1.60
C THR A 140 -2.96 -8.91 -2.13
N VAL A 141 -3.37 -9.67 -3.14
CA VAL A 141 -4.74 -9.67 -3.63
C VAL A 141 -5.59 -10.36 -2.57
N ASP A 142 -6.91 -10.20 -2.64
CA ASP A 142 -7.83 -10.97 -1.80
C ASP A 142 -8.33 -12.17 -2.61
N GLU A 143 -9.37 -12.85 -2.13
CA GLU A 143 -9.80 -14.09 -2.79
C GLU A 143 -10.51 -13.86 -4.14
N LYS A 144 -10.80 -12.61 -4.48
CA LYS A 144 -11.37 -12.31 -5.78
C LYS A 144 -10.29 -12.41 -6.83
N ASN A 145 -9.04 -12.36 -6.39
CA ASN A 145 -7.87 -12.59 -7.21
C ASN A 145 -7.61 -11.61 -8.33
N TYR A 146 -8.00 -10.37 -8.11
CA TYR A 146 -7.83 -9.34 -9.12
C TYR A 146 -7.66 -7.93 -8.52
N THR A 147 -6.60 -7.20 -8.85
CA THR A 147 -6.47 -5.79 -8.49
C THR A 147 -5.92 -5.00 -9.66
N LYS A 148 -6.64 -3.92 -10.03
CA LYS A 148 -6.19 -2.93 -11.02
C LYS A 148 -5.90 -1.66 -10.26
N ALA A 149 -4.67 -1.19 -10.35
CA ALA A 149 -4.20 -0.08 -9.56
C ALA A 149 -3.38 0.90 -10.40
N MET A 150 -3.78 2.16 -10.40
CA MET A 150 -2.92 3.24 -10.87
C MET A 150 -1.73 3.34 -9.93
N ARG A 151 -0.52 3.25 -10.48
CA ARG A 151 0.69 3.49 -9.69
C ARG A 151 1.15 4.90 -9.96
N LEU A 152 1.58 5.60 -8.93
CA LEU A 152 2.07 6.97 -9.09
C LEU A 152 3.44 7.16 -8.45
N PHE A 153 4.17 8.19 -8.91
CA PHE A 153 5.55 8.42 -8.47
C PHE A 153 5.98 9.86 -8.64
N VAL A 154 6.90 10.32 -7.78
CA VAL A 154 7.46 11.65 -7.94
C VAL A 154 8.62 11.59 -8.96
N GLY A 155 8.37 12.13 -10.15
CA GLY A 155 9.25 11.93 -11.31
C GLY A 155 9.32 10.48 -11.79
N GLU A 156 10.31 10.20 -12.64
CA GLU A 156 10.55 8.86 -13.19
C GLU A 156 10.75 7.83 -12.06
N PRO A 157 10.10 6.66 -12.17
CA PRO A 157 10.04 5.69 -11.06
C PRO A 157 11.24 4.80 -10.86
N VAL A 158 11.42 4.38 -9.61
CA VAL A 158 12.42 3.40 -9.20
C VAL A 158 11.63 2.42 -8.32
N TRP A 159 11.53 1.17 -8.78
CA TRP A 159 10.63 0.19 -8.17
C TRP A 159 11.28 -0.65 -7.14
N THR A 160 12.61 -0.57 -7.03
CA THR A 160 13.38 -1.48 -6.17
C THR A 160 12.75 -1.73 -4.80
N ALA A 161 12.49 -3.00 -4.48
CA ALA A 161 12.14 -3.39 -3.12
C ALA A 161 13.35 -4.04 -2.44
N TYR A 162 13.66 -3.54 -1.25
CA TYR A 162 14.66 -4.14 -0.42
C TYR A 162 13.94 -4.87 0.68
N ASN A 163 14.05 -6.18 0.68
CA ASN A 163 13.41 -7.01 1.68
C ASN A 163 13.93 -6.73 3.10
N ARG A 164 13.17 -7.18 4.09
CA ARG A 164 13.60 -7.04 5.47
C ARG A 164 14.54 -8.19 5.72
N PRO A 165 15.64 -7.96 6.46
CA PRO A 165 16.12 -6.65 6.96
C PRO A 165 16.71 -5.72 5.90
N ALA A 166 16.37 -4.44 6.03
CA ALA A 166 16.99 -3.38 5.26
C ALA A 166 17.00 -2.10 6.12
N ASP A 167 17.52 -2.21 7.33
CA ASP A 167 17.47 -1.12 8.32
C ASP A 167 18.62 -0.14 8.19
N HIS A 168 19.57 -0.43 7.31
CA HIS A 168 20.74 0.44 7.08
C HIS A 168 20.56 1.58 6.11
N PHE A 169 19.53 1.52 5.27
CA PHE A 169 19.28 2.58 4.29
C PHE A 169 18.92 3.90 4.98
N GLU A 170 19.30 5.01 4.36
CA GLU A 170 19.02 6.32 4.97
C GLU A 170 17.52 6.55 5.04
N ALA A 171 16.81 6.21 3.97
CA ALA A 171 15.33 6.27 3.94
C ALA A 171 14.70 5.54 5.13
N ARG A 172 15.27 4.40 5.49
CA ARG A 172 14.78 3.66 6.65
C ARG A 172 15.06 4.43 7.96
N GLY A 173 16.28 4.94 8.11
CA GLY A 173 16.67 5.75 9.27
C GLY A 173 15.86 7.03 9.42
N GLN A 174 15.72 7.78 8.32
CA GLN A 174 14.85 8.96 8.27
C GLN A 174 13.40 8.67 8.73
N TYR A 175 12.81 7.59 8.24
CA TYR A 175 11.43 7.23 8.62
C TYR A 175 11.36 6.85 10.10
N VAL A 176 12.35 6.13 10.60
CA VAL A 176 12.36 5.75 12.02
C VAL A 176 12.63 6.93 12.94
N LYS A 177 13.39 7.92 12.46
CA LYS A 177 13.51 9.22 13.15
C LYS A 177 12.13 9.86 13.22
N PHE A 178 11.42 9.82 12.10
CA PHE A 178 10.13 10.49 11.96
C PHE A 178 9.12 9.97 12.97
N LEU A 179 9.18 8.66 13.23
CA LEU A 179 8.26 8.00 14.16
C LEU A 179 8.48 8.47 15.59
N ALA A 180 9.73 8.37 16.05
CA ALA A 180 10.14 8.85 17.38
C ALA A 180 9.91 10.35 17.53
N GLN A 181 10.12 11.10 16.46
CA GLN A 181 10.01 12.57 16.46
C GLN A 181 8.55 13.00 16.39
N THR A 182 7.63 12.03 16.44
CA THR A 182 6.17 12.20 16.19
C THR A 182 5.83 13.24 15.11
FE FE B . 6.17 -1.96 -1.87
CL CL C . 4.00 -2.79 -8.33
CL CL D . 2.62 -16.72 -15.18
N MSE E . 5.37 -1.49 -3.87
CA MSE E . 5.30 -2.92 -4.23
CA MSE E . 5.27 -2.91 -4.26
C MSE E . 4.42 -3.57 -3.22
O MSE E . 4.35 -3.12 -2.06
OXT MSE E . 3.75 -4.55 -3.53
CB MSE E . 6.68 -3.60 -4.19
CB MSE E . 6.68 -3.49 -4.37
CG MSE E . 7.09 -4.16 -5.54
CG MSE E . 7.01 -3.88 -5.80
SE MSE E . 8.16 -5.80 -5.31
SE MSE E . 7.31 -2.33 -6.99
CE MSE E . 8.38 -6.19 -7.24
CE MSE E . 7.50 -3.39 -8.64
S SO4 F . -12.17 -5.34 12.98
O1 SO4 F . -11.65 -4.94 14.31
O2 SO4 F . -12.20 -4.15 12.10
O3 SO4 F . -11.30 -6.40 12.40
O4 SO4 F . -13.57 -5.84 13.15
S SO4 G . 0.54 11.78 -16.76
O1 SO4 G . -0.34 11.26 -15.70
O2 SO4 G . 0.17 13.21 -16.97
O3 SO4 G . 1.94 11.59 -16.33
O4 SO4 G . 0.30 10.99 -17.98
S SO4 H . -3.52 19.70 -14.22
O1 SO4 H . -3.97 20.72 -15.20
O2 SO4 H . -2.06 19.53 -14.34
O3 SO4 H . -3.84 20.09 -12.82
O4 SO4 H . -4.18 18.41 -14.54
S SO4 I . 5.87 -12.16 10.07
O1 SO4 I . 6.87 -13.24 9.92
O2 SO4 I . 4.54 -12.57 9.52
O3 SO4 I . 5.77 -11.83 11.53
O4 SO4 I . 6.31 -10.98 9.30
C ACT J . 6.98 2.68 -5.24
O ACT J . 8.12 3.08 -4.91
OXT ACT J . 6.63 1.47 -5.13
CH3 ACT J . 6.03 3.71 -5.78
#